data_4ZDH
#
_entry.id   4ZDH
#
_cell.length_a   44.695
_cell.length_b   60.087
_cell.length_c   82.462
_cell.angle_alpha   90.00
_cell.angle_beta   91.75
_cell.angle_gamma   90.00
#
_symmetry.space_group_name_H-M   'P 1 21 1'
#
loop_
_entity.id
_entity.type
_entity.pdbx_description
1 polymer 'Alpha chain of A6 T-cell receptor,T-cell receptor alpha chain C region'
2 polymer 'Beta chain of JKF6 T-cell receptor,Protein TRBV28'
3 water water
#
loop_
_entity_poly.entity_id
_entity_poly.type
_entity_poly.pdbx_seq_one_letter_code
_entity_poly.pdbx_strand_id
1 'polypeptide(L)'
;EVEQNSGPLSVPEGAIASLNCTYSDRGSQSFFWYRQYSGKSPELIMSIYSNGDKEDGRFTAQLNKASQYVSLLIRDAQPS
DSATYLCAVTTDSWGKLQFGAGTQVVVTPDIQNPDPAVYQLRDSKSSDKSVCLFTDFDSQTNVSQSKDSDVYITDKCVLD
MRSMDFKSNSAVAWSNKSDFACANAFNNSIIPEDTFFPSPE
;
A
2 'polypeptide(L)'
;KVTQSSRYLVKRTGEKVFLECVQDMDHENMFWYRQDPGLGLRLIYFSYDVKMKEKGDIPEGYSVSREKKERFSLILASAS
TDQTSMYLCASSFLGTGVEQYFGPGTRLTVVEDLNKVFPPEVALFEPSEAEISHTQKATLVCLATGFYPDHVELSWWVNG
KEVHSGVCTDPQPLKEQPALNDSRYALSSRLRVSATFWQDPRNHFRCQVQFYGLSEADEWTQARAKPVTQIVSAEAWGRA
D
;
B
#
# COMPACT_ATOMS: atom_id res chain seq x y z
N GLU A 1 -23.48 -15.02 -4.64
CA GLU A 1 -23.91 -13.68 -4.99
C GLU A 1 -22.91 -13.00 -5.94
N VAL A 2 -21.77 -12.54 -5.42
CA VAL A 2 -20.69 -12.04 -6.27
C VAL A 2 -19.33 -12.60 -5.83
N GLU A 3 -18.67 -13.33 -6.71
CA GLU A 3 -17.41 -14.00 -6.38
C GLU A 3 -16.32 -13.70 -7.40
N GLN A 4 -15.13 -13.36 -6.91
CA GLN A 4 -14.02 -12.98 -7.76
C GLN A 4 -12.91 -14.01 -7.50
N ASN A 5 -12.04 -14.26 -8.48
CA ASN A 5 -10.93 -15.18 -8.22
C ASN A 5 -9.94 -14.58 -7.20
N SER A 6 -9.35 -15.46 -6.38
CA SER A 6 -8.73 -15.10 -5.09
C SER A 6 -7.45 -14.25 -5.08
N GLY A 7 -6.41 -14.70 -5.78
CA GLY A 7 -5.16 -13.94 -5.83
C GLY A 7 -4.22 -14.14 -4.65
N PRO A 8 -3.08 -13.45 -4.63
CA PRO A 8 -2.59 -12.47 -5.61
C PRO A 8 -2.17 -13.12 -6.92
N LEU A 9 -2.30 -12.36 -8.00
CA LEU A 9 -1.86 -12.82 -9.32
C LEU A 9 -0.57 -12.15 -9.72
N SER A 10 0.37 -12.95 -10.18
CA SER A 10 1.63 -12.44 -10.64
C SER A 10 1.68 -12.62 -12.14
N VAL A 11 1.95 -11.53 -12.84
CA VAL A 11 1.85 -11.47 -14.29
C VAL A 11 3.12 -10.89 -14.83
N PRO A 12 3.74 -11.57 -15.82
CA PRO A 12 4.98 -10.97 -16.30
C PRO A 12 4.66 -9.80 -17.21
N GLU A 13 5.49 -8.76 -17.13
CA GLU A 13 5.35 -7.58 -17.99
C GLU A 13 5.11 -7.94 -19.45
N GLY A 14 4.14 -7.29 -20.07
CA GLY A 14 3.85 -7.53 -21.47
C GLY A 14 2.76 -8.57 -21.68
N ALA A 15 2.48 -9.37 -20.65
CA ALA A 15 1.40 -10.35 -20.76
C ALA A 15 0.04 -9.76 -20.39
N ILE A 16 -1.02 -10.54 -20.64
CA ILE A 16 -2.35 -10.16 -20.22
C ILE A 16 -2.60 -10.52 -18.75
N ALA A 17 -3.03 -9.55 -17.95
CA ALA A 17 -3.45 -9.81 -16.59
C ALA A 17 -4.96 -9.91 -16.63
N SER A 18 -5.51 -10.97 -16.04
CA SER A 18 -6.94 -11.20 -16.17
C SER A 18 -7.60 -11.61 -14.87
N LEU A 19 -8.81 -11.08 -14.71
CA LEU A 19 -9.61 -11.28 -13.52
C LEU A 19 -10.99 -11.72 -13.93
N ASN A 20 -11.53 -12.71 -13.22
CA ASN A 20 -12.87 -13.15 -13.50
C ASN A 20 -13.78 -13.02 -12.25
N CYS A 21 -15.05 -12.76 -12.50
CA CYS A 21 -16.01 -12.45 -11.45
C CYS A 21 -17.37 -13.03 -11.85
N THR A 22 -17.83 -14.03 -11.11
CA THR A 22 -19.12 -14.63 -11.39
C THR A 22 -20.18 -14.08 -10.44
N TYR A 23 -21.44 -14.13 -10.87
CA TYR A 23 -22.54 -13.55 -10.09
C TYR A 23 -23.77 -14.43 -10.21
N SER A 24 -24.58 -14.45 -9.16
CA SER A 24 -25.69 -15.39 -9.05
C SER A 24 -27.00 -14.93 -9.71
N ASP A 25 -27.23 -13.62 -9.70
CA ASP A 25 -28.50 -13.10 -10.20
C ASP A 25 -28.49 -12.87 -11.70
N ARG A 26 -29.17 -13.76 -12.41
CA ARG A 26 -29.25 -13.73 -13.87
C ARG A 26 -29.77 -12.38 -14.38
N GLY A 27 -30.64 -11.74 -13.60
CA GLY A 27 -31.23 -10.47 -13.97
C GLY A 27 -30.41 -9.23 -13.63
N SER A 28 -29.14 -9.42 -13.30
CA SER A 28 -28.24 -8.30 -13.01
C SER A 28 -28.02 -7.41 -14.25
N GLN A 29 -28.01 -6.10 -14.09
CA GLN A 29 -27.91 -5.23 -15.25
C GLN A 29 -26.67 -4.33 -15.31
N SER A 30 -26.09 -4.02 -14.16
CA SER A 30 -24.88 -3.19 -14.13
C SER A 30 -23.66 -3.89 -13.52
N PHE A 31 -22.53 -3.73 -14.18
CA PHE A 31 -21.29 -4.43 -13.81
C PHE A 31 -20.15 -3.45 -13.83
N PHE A 32 -19.37 -3.42 -12.75
CA PHE A 32 -18.28 -2.46 -12.61
C PHE A 32 -16.94 -3.10 -12.28
N TRP A 33 -15.86 -2.49 -12.75
CA TRP A 33 -14.51 -2.83 -12.30
C TRP A 33 -13.86 -1.63 -11.66
N TYR A 34 -13.28 -1.86 -10.48
CA TYR A 34 -12.56 -0.82 -9.74
C TYR A 34 -11.07 -1.14 -9.62
N ARG A 35 -10.24 -0.10 -9.63
CA ARG A 35 -8.81 -0.27 -9.40
C ARG A 35 -8.45 0.45 -8.09
N GLN A 36 -7.69 -0.22 -7.23
CA GLN A 36 -7.30 0.37 -5.96
C GLN A 36 -5.82 0.19 -5.71
N TYR A 37 -5.07 1.30 -5.72
CA TYR A 37 -3.65 1.25 -5.42
C TYR A 37 -3.45 1.05 -3.93
N SER A 38 -2.27 0.51 -3.59
CA SER A 38 -1.97 0.16 -2.20
C SER A 38 -2.19 1.35 -1.27
N GLY A 39 -3.06 1.17 -0.28
CA GLY A 39 -3.31 2.21 0.69
C GLY A 39 -4.08 3.42 0.17
N LYS A 40 -4.66 3.33 -1.02
CA LYS A 40 -5.53 4.39 -1.53
C LYS A 40 -6.97 3.88 -1.62
N SER A 41 -7.83 4.64 -2.30
CA SER A 41 -9.24 4.25 -2.41
C SER A 41 -9.60 3.72 -3.79
N PRO A 42 -10.62 2.84 -3.87
CA PRO A 42 -11.01 2.29 -5.16
C PRO A 42 -11.41 3.38 -6.15
N GLU A 43 -10.94 3.30 -7.38
CA GLU A 43 -11.37 4.22 -8.43
C GLU A 43 -12.03 3.41 -9.57
N LEU A 44 -13.18 3.87 -10.05
CA LEU A 44 -13.86 3.20 -11.15
C LEU A 44 -13.02 3.22 -12.43
N ILE A 45 -12.80 2.08 -13.06
CA ILE A 45 -12.09 2.08 -14.34
C ILE A 45 -12.95 1.71 -15.55
N MET A 46 -13.94 0.84 -15.34
CA MET A 46 -14.81 0.38 -16.42
C MET A 46 -16.19 0.05 -15.88
N SER A 47 -17.22 0.37 -16.64
CA SER A 47 -18.52 -0.19 -16.39
C SER A 47 -18.96 -0.85 -17.67
N ILE A 48 -19.73 -1.93 -17.57
CA ILE A 48 -20.18 -2.65 -18.77
C ILE A 48 -21.60 -3.14 -18.57
N TYR A 49 -22.40 -3.17 -19.64
CA TYR A 49 -23.84 -3.46 -19.52
C TYR A 49 -24.36 -4.53 -20.48
N SER A 50 -23.69 -4.71 -21.61
CA SER A 50 -24.15 -5.70 -22.59
C SER A 50 -23.05 -6.70 -22.96
N ASN A 51 -23.48 -7.85 -23.48
CA ASN A 51 -22.58 -8.96 -23.81
C ASN A 51 -21.45 -8.54 -24.71
N GLY A 52 -20.29 -9.17 -24.54
CA GLY A 52 -19.17 -8.93 -25.42
C GLY A 52 -18.10 -8.10 -24.74
N ASP A 53 -17.39 -7.31 -25.55
CA ASP A 53 -16.27 -6.50 -25.07
C ASP A 53 -16.61 -5.03 -24.87
N LYS A 54 -15.86 -4.41 -23.97
CA LYS A 54 -15.85 -2.96 -23.85
C LYS A 54 -14.40 -2.58 -23.63
N GLU A 55 -13.89 -1.67 -24.46
CA GLU A 55 -12.46 -1.36 -24.44
C GLU A 55 -12.18 0.06 -24.04
N ASP A 56 -11.16 0.22 -23.20
CA ASP A 56 -10.68 1.55 -22.83
C ASP A 56 -9.16 1.50 -22.64
N GLY A 57 -8.44 1.98 -23.64
CA GLY A 57 -6.98 1.92 -23.61
C GLY A 57 -6.57 0.46 -23.53
N ARG A 58 -5.72 0.13 -22.56
CA ARG A 58 -5.25 -1.24 -22.41
C ARG A 58 -6.25 -2.15 -21.67
N PHE A 59 -7.34 -1.57 -21.17
CA PHE A 59 -8.36 -2.33 -20.45
C PHE A 59 -9.42 -2.88 -21.41
N THR A 60 -9.80 -4.13 -21.21
CA THR A 60 -10.99 -4.68 -21.86
C THR A 60 -11.84 -5.33 -20.78
N ALA A 61 -13.09 -4.88 -20.63
CA ALA A 61 -14.01 -5.66 -19.82
C ALA A 61 -14.82 -6.56 -20.75
N GLN A 62 -15.16 -7.75 -20.29
CA GLN A 62 -16.01 -8.64 -21.06
C GLN A 62 -17.16 -9.15 -20.19
N LEU A 63 -18.33 -9.27 -20.77
CA LEU A 63 -19.50 -9.73 -20.06
C LEU A 63 -20.12 -10.92 -20.80
N ASN A 64 -20.46 -11.96 -20.04
CA ASN A 64 -21.19 -13.11 -20.56
C ASN A 64 -22.36 -13.40 -19.62
N LYS A 65 -23.51 -12.80 -19.95
CA LYS A 65 -24.69 -12.86 -19.12
C LYS A 65 -25.35 -14.23 -19.17
N ALA A 66 -25.08 -14.99 -20.23
CA ALA A 66 -25.60 -16.35 -20.31
C ALA A 66 -24.86 -17.29 -19.35
N SER A 67 -23.55 -17.14 -19.25
CA SER A 67 -22.77 -17.94 -18.32
C SER A 67 -22.60 -17.20 -17.00
N GLN A 68 -23.12 -15.97 -16.96
CA GLN A 68 -23.08 -15.15 -15.74
C GLN A 68 -21.66 -14.93 -15.18
N TYR A 69 -20.83 -14.24 -15.95
CA TYR A 69 -19.54 -13.81 -15.46
C TYR A 69 -19.15 -12.52 -16.15
N VAL A 70 -18.30 -11.76 -15.49
CA VAL A 70 -17.76 -10.54 -16.06
C VAL A 70 -16.27 -10.63 -15.80
N SER A 71 -15.45 -10.04 -16.68
CA SER A 71 -14.00 -10.18 -16.57
C SER A 71 -13.32 -8.88 -16.92
N LEU A 72 -12.09 -8.73 -16.45
CA LEU A 72 -11.26 -7.61 -16.82
C LEU A 72 -9.96 -8.16 -17.34
N LEU A 73 -9.61 -7.79 -18.57
CA LEU A 73 -8.32 -8.11 -19.15
C LEU A 73 -7.45 -6.87 -19.24
N ILE A 74 -6.23 -6.94 -18.74
CA ILE A 74 -5.30 -5.84 -18.92
C ILE A 74 -4.24 -6.22 -19.92
N ARG A 75 -4.33 -5.63 -21.11
CA ARG A 75 -3.41 -5.96 -22.19
C ARG A 75 -2.04 -5.27 -22.03
N ASP A 76 -0.98 -5.93 -22.49
CA ASP A 76 0.37 -5.40 -22.41
C ASP A 76 0.71 -4.82 -21.03
N ALA A 77 0.42 -5.62 -20.01
CA ALA A 77 0.58 -5.22 -18.61
C ALA A 77 1.96 -4.59 -18.33
N GLN A 78 1.98 -3.61 -17.43
CA GLN A 78 3.20 -2.93 -17.01
C GLN A 78 3.20 -2.96 -15.49
N PRO A 79 4.40 -2.86 -14.89
CA PRO A 79 4.54 -2.82 -13.42
C PRO A 79 3.59 -1.83 -12.74
N SER A 80 3.37 -0.66 -13.34
CA SER A 80 2.50 0.36 -12.75
C SER A 80 1.03 -0.04 -12.72
N ASP A 81 0.67 -1.14 -13.37
CA ASP A 81 -0.68 -1.69 -13.28
C ASP A 81 -0.91 -2.44 -11.96
N SER A 82 0.17 -2.66 -11.20
CA SER A 82 0.08 -3.41 -9.96
C SER A 82 -0.84 -2.74 -8.93
N ALA A 83 -1.87 -3.48 -8.52
CA ALA A 83 -2.94 -2.93 -7.71
C ALA A 83 -3.92 -4.02 -7.35
N THR A 84 -4.91 -3.66 -6.54
CA THR A 84 -6.03 -4.53 -6.29
C THR A 84 -7.17 -4.13 -7.21
N TYR A 85 -7.77 -5.11 -7.88
CA TYR A 85 -8.88 -4.88 -8.77
C TYR A 85 -10.14 -5.53 -8.19
N LEU A 86 -11.24 -4.77 -8.17
CA LEU A 86 -12.49 -5.26 -7.56
C LEU A 86 -13.63 -5.16 -8.54
N CYS A 87 -14.40 -6.24 -8.69
CA CYS A 87 -15.64 -6.15 -9.45
C CYS A 87 -16.80 -5.80 -8.53
N ALA A 88 -17.83 -5.19 -9.11
CA ALA A 88 -19.04 -4.83 -8.38
C ALA A 88 -20.24 -5.06 -9.28
N VAL A 89 -21.34 -5.48 -8.69
CA VAL A 89 -22.56 -5.77 -9.42
C VAL A 89 -23.72 -5.17 -8.63
N THR A 90 -24.67 -4.54 -9.32
CA THR A 90 -25.88 -4.06 -8.67
C THR A 90 -26.71 -5.21 -8.14
N THR A 91 -27.26 -5.07 -6.93
CA THR A 91 -28.12 -6.11 -6.39
C THR A 91 -29.58 -5.68 -6.15
N ASP A 92 -29.85 -4.39 -6.22
CA ASP A 92 -31.26 -3.96 -6.21
C ASP A 92 -31.43 -2.76 -7.12
N SER A 93 -32.66 -2.24 -7.19
CA SER A 93 -32.96 -1.16 -8.11
C SER A 93 -32.77 0.23 -7.50
N TRP A 94 -32.20 0.29 -6.30
CA TRP A 94 -31.86 1.56 -5.67
C TRP A 94 -30.38 1.93 -5.91
N GLY A 95 -29.60 0.98 -6.39
CA GLY A 95 -28.18 1.20 -6.62
C GLY A 95 -27.23 0.50 -5.65
N LYS A 96 -27.75 -0.36 -4.78
CA LYS A 96 -26.88 -1.13 -3.89
C LYS A 96 -25.96 -2.00 -4.73
N LEU A 97 -24.69 -2.05 -4.34
CA LEU A 97 -23.69 -2.78 -5.08
C LEU A 97 -23.17 -3.90 -4.20
N GLN A 98 -22.87 -5.04 -4.80
CA GLN A 98 -22.10 -6.04 -4.09
C GLN A 98 -20.74 -6.12 -4.75
N PHE A 99 -19.69 -5.98 -3.95
CA PHE A 99 -18.33 -6.04 -4.44
C PHE A 99 -17.80 -7.46 -4.29
N GLY A 100 -16.99 -7.87 -5.25
CA GLY A 100 -16.14 -9.04 -5.06
C GLY A 100 -15.09 -8.70 -4.00
N ALA A 101 -14.30 -9.69 -3.60
CA ALA A 101 -13.39 -9.49 -2.48
C ALA A 101 -12.09 -8.81 -2.87
N GLY A 102 -11.95 -8.49 -4.16
CA GLY A 102 -10.73 -7.85 -4.64
C GLY A 102 -9.65 -8.88 -4.94
N THR A 103 -8.90 -8.63 -6.00
CA THR A 103 -7.75 -9.47 -6.32
C THR A 103 -6.53 -8.57 -6.45
N GLN A 104 -5.46 -8.92 -5.75
CA GLN A 104 -4.20 -8.20 -5.86
C GLN A 104 -3.47 -8.68 -7.10
N VAL A 105 -3.04 -7.74 -7.93
CA VAL A 105 -2.33 -8.10 -9.14
C VAL A 105 -0.98 -7.43 -9.10
N VAL A 106 0.07 -8.22 -9.32
CA VAL A 106 1.41 -7.68 -9.34
C VAL A 106 2.02 -8.00 -10.69
N VAL A 107 2.40 -6.97 -11.43
CA VAL A 107 3.04 -7.16 -12.71
C VAL A 107 4.54 -7.03 -12.51
N THR A 108 5.27 -8.12 -12.78
CA THR A 108 6.72 -8.13 -12.63
C THR A 108 7.42 -7.60 -13.89
N PRO A 109 8.49 -6.80 -13.71
CA PRO A 109 9.20 -6.24 -14.86
C PRO A 109 9.94 -7.34 -15.64
N ASP A 110 10.11 -7.08 -16.93
CA ASP A 110 10.89 -7.96 -17.78
C ASP A 110 12.36 -7.55 -17.65
N ILE A 111 13.12 -8.38 -16.94
CA ILE A 111 14.54 -8.12 -16.71
C ILE A 111 15.40 -8.79 -17.78
N GLN A 112 15.72 -8.04 -18.82
CA GLN A 112 16.44 -8.56 -19.97
C GLN A 112 17.90 -8.91 -19.67
N ASN A 113 18.51 -8.15 -18.77
CA ASN A 113 19.91 -8.34 -18.42
C ASN A 113 20.14 -8.31 -16.92
N PRO A 114 19.79 -9.40 -16.24
CA PRO A 114 20.01 -9.54 -14.79
C PRO A 114 21.46 -9.33 -14.40
N ASP A 115 21.68 -8.61 -13.31
CA ASP A 115 23.01 -8.43 -12.79
C ASP A 115 22.95 -8.58 -11.26
N PRO A 116 22.38 -9.69 -10.78
CA PRO A 116 22.10 -9.83 -9.35
C PRO A 116 23.34 -9.55 -8.49
N ALA A 117 23.14 -8.75 -7.46
CA ALA A 117 24.26 -8.40 -6.59
C ALA A 117 23.78 -8.12 -5.18
N VAL A 118 24.66 -8.41 -4.23
CA VAL A 118 24.41 -8.04 -2.85
C VAL A 118 25.47 -7.03 -2.40
N TYR A 119 24.99 -5.85 -2.01
CA TYR A 119 25.84 -4.72 -1.62
C TYR A 119 25.56 -4.32 -0.18
N GLN A 120 26.57 -3.82 0.50
CA GLN A 120 26.37 -3.30 1.84
C GLN A 120 26.46 -1.78 1.80
N LEU A 121 25.46 -1.11 2.37
CA LEU A 121 25.44 0.36 2.37
C LEU A 121 25.57 0.91 3.79
N ARG A 122 26.34 1.98 3.94
CA ARG A 122 26.48 2.60 5.24
C ARG A 122 25.72 3.92 5.39
N ASP A 123 25.31 4.17 6.63
CA ASP A 123 24.55 5.34 7.01
C ASP A 123 25.35 6.59 6.66
N SER A 124 24.64 7.60 6.15
CA SER A 124 25.23 8.91 5.90
C SER A 124 25.72 9.61 7.18
N LYS A 125 25.01 9.41 8.29
CA LYS A 125 25.35 10.06 9.57
C LYS A 125 26.27 9.23 10.46
N SER A 126 26.29 7.91 10.28
CA SER A 126 27.12 7.05 11.11
C SER A 126 27.60 5.82 10.34
N SER A 127 28.92 5.74 10.12
CA SER A 127 29.49 4.63 9.37
C SER A 127 29.21 3.29 10.03
N ASP A 128 28.84 3.32 11.31
CA ASP A 128 28.62 2.12 12.11
C ASP A 128 27.37 1.34 11.74
N LYS A 129 26.33 2.03 11.28
CA LYS A 129 25.10 1.36 10.89
C LYS A 129 25.09 1.05 9.40
N SER A 130 24.57 -0.12 9.05
CA SER A 130 24.49 -0.52 7.65
C SER A 130 23.23 -1.32 7.31
N VAL A 131 22.89 -1.32 6.03
CA VAL A 131 21.87 -2.20 5.49
C VAL A 131 22.47 -2.97 4.34
N CYS A 132 21.79 -4.04 3.96
CA CYS A 132 22.17 -4.84 2.82
C CYS A 132 21.16 -4.62 1.71
N LEU A 133 21.63 -4.57 0.47
CA LEU A 133 20.77 -4.41 -0.69
C LEU A 133 21.04 -5.49 -1.73
N PHE A 134 20.07 -6.39 -1.91
CA PHE A 134 20.06 -7.42 -2.94
C PHE A 134 19.33 -6.81 -4.13
N THR A 135 20.01 -6.64 -5.27
CA THR A 135 19.39 -5.88 -6.36
C THR A 135 19.74 -6.46 -7.73
N ASP A 136 18.98 -6.03 -8.74
CA ASP A 136 19.20 -6.38 -10.14
C ASP A 136 19.01 -7.86 -10.50
N PHE A 137 18.20 -8.58 -9.74
CA PHE A 137 17.95 -10.00 -10.04
C PHE A 137 16.71 -10.12 -10.93
N ASP A 138 16.58 -11.22 -11.66
CA ASP A 138 15.39 -11.35 -12.51
C ASP A 138 14.12 -11.66 -11.70
N SER A 139 12.96 -11.39 -12.29
CA SER A 139 11.69 -11.41 -11.58
C SER A 139 11.22 -12.80 -11.15
N GLN A 140 11.96 -13.84 -11.53
CA GLN A 140 11.62 -15.19 -11.11
C GLN A 140 12.26 -15.53 -9.77
N THR A 141 13.06 -14.63 -9.22
CA THR A 141 13.66 -14.82 -7.91
C THR A 141 12.63 -14.50 -6.83
N ASN A 142 12.58 -15.31 -5.78
CA ASN A 142 11.69 -15.01 -4.68
C ASN A 142 12.43 -14.68 -3.40
N VAL A 143 12.09 -13.55 -2.82
CA VAL A 143 12.70 -13.12 -1.57
C VAL A 143 11.90 -13.60 -0.35
N SER A 144 12.36 -14.68 0.26
CA SER A 144 11.72 -15.22 1.47
C SER A 144 11.90 -14.30 2.66
N GLN A 145 10.85 -14.17 3.46
CA GLN A 145 10.91 -13.37 4.68
C GLN A 145 11.88 -13.98 5.66
N SER A 146 12.30 -13.22 6.65
CA SER A 146 13.30 -13.69 7.59
C SER A 146 12.73 -14.81 8.45
N LYS A 147 13.60 -15.72 8.87
CA LYS A 147 13.22 -16.84 9.72
C LYS A 147 13.82 -16.59 11.10
N ASP A 148 14.79 -15.68 11.15
CA ASP A 148 15.39 -15.24 12.40
C ASP A 148 14.64 -14.06 12.97
N SER A 149 14.41 -14.10 14.29
CA SER A 149 13.67 -13.05 14.97
C SER A 149 14.45 -11.73 14.94
N ASP A 150 15.77 -11.83 14.80
CA ASP A 150 16.64 -10.66 14.88
C ASP A 150 17.17 -10.14 13.53
N VAL A 151 16.75 -10.78 12.44
CA VAL A 151 17.08 -10.31 11.08
C VAL A 151 15.82 -9.84 10.35
N TYR A 152 15.92 -8.78 9.57
CA TYR A 152 14.73 -8.31 8.82
C TYR A 152 14.98 -8.23 7.33
N ILE A 153 14.07 -8.82 6.56
CA ILE A 153 14.16 -8.83 5.10
C ILE A 153 12.85 -8.35 4.51
N THR A 154 12.92 -7.43 3.56
CA THR A 154 11.71 -6.86 2.98
C THR A 154 11.25 -7.65 1.76
N ASP A 155 10.01 -7.43 1.34
CA ASP A 155 9.55 -7.93 0.06
C ASP A 155 10.39 -7.26 -1.02
N LYS A 156 10.41 -7.86 -2.21
CA LYS A 156 11.05 -7.21 -3.33
C LYS A 156 10.18 -6.07 -3.84
N CYS A 157 10.84 -5.09 -4.43
CA CYS A 157 10.24 -3.83 -4.82
C CYS A 157 10.75 -3.48 -6.21
N VAL A 158 9.88 -2.88 -7.03
CA VAL A 158 10.23 -2.60 -8.42
C VAL A 158 10.39 -1.10 -8.66
N LEU A 159 11.53 -0.75 -9.21
CA LEU A 159 11.96 0.63 -9.33
C LEU A 159 12.15 0.94 -10.81
N ASP A 160 11.65 2.10 -11.24
CA ASP A 160 11.73 2.51 -12.65
C ASP A 160 12.55 3.80 -12.79
N MET A 161 13.76 3.69 -13.35
CA MET A 161 14.54 4.85 -13.72
C MET A 161 14.07 5.28 -15.10
N ARG A 162 13.05 6.14 -15.11
CA ARG A 162 12.33 6.47 -16.34
C ARG A 162 13.20 7.05 -17.45
N SER A 163 14.13 7.94 -17.10
CA SER A 163 15.00 8.57 -18.11
C SER A 163 15.93 7.56 -18.76
N MET A 164 16.23 6.47 -18.07
CA MET A 164 17.15 5.47 -18.59
C MET A 164 16.42 4.29 -19.23
N ASP A 165 15.09 4.30 -19.13
CA ASP A 165 14.27 3.16 -19.54
C ASP A 165 14.80 1.87 -18.92
N PHE A 166 14.97 1.91 -17.60
CA PHE A 166 15.63 0.83 -16.87
C PHE A 166 14.82 0.51 -15.62
N LYS A 167 14.39 -0.74 -15.50
CA LYS A 167 13.69 -1.18 -14.30
C LYS A 167 14.55 -2.19 -13.54
N SER A 168 14.37 -2.26 -12.23
CA SER A 168 15.14 -3.21 -11.42
C SER A 168 14.41 -3.65 -10.16
N ASN A 169 14.60 -4.92 -9.79
CA ASN A 169 14.11 -5.47 -8.54
C ASN A 169 15.13 -5.31 -7.45
N SER A 170 14.68 -5.18 -6.21
CA SER A 170 15.59 -5.20 -5.08
C SER A 170 14.86 -5.55 -3.81
N ALA A 171 15.63 -5.91 -2.80
CA ALA A 171 15.12 -6.19 -1.48
C ALA A 171 16.15 -5.66 -0.50
N VAL A 172 15.71 -5.36 0.72
CA VAL A 172 16.57 -4.77 1.72
C VAL A 172 16.56 -5.67 2.97
N ALA A 173 17.72 -5.83 3.58
CA ALA A 173 17.85 -6.57 4.82
C ALA A 173 18.71 -5.79 5.82
N TRP A 174 18.47 -5.99 7.11
CA TRP A 174 19.29 -5.38 8.16
C TRP A 174 19.15 -6.12 9.48
N SER A 175 20.02 -5.80 10.43
CA SER A 175 19.93 -6.37 11.76
C SER A 175 20.69 -5.53 12.77
N ASN A 176 20.36 -5.68 14.05
CA ASN A 176 21.07 -4.98 15.09
C ASN A 176 22.13 -5.89 15.70
N LYS A 177 22.54 -6.88 14.92
CA LYS A 177 23.52 -7.87 15.38
C LYS A 177 24.96 -7.45 15.11
N SER A 178 25.83 -7.73 16.06
CA SER A 178 27.25 -7.42 15.95
C SER A 178 27.94 -8.30 14.90
N ASP A 179 27.64 -9.58 14.92
CA ASP A 179 28.28 -10.55 14.03
C ASP A 179 27.62 -10.64 12.66
N PHE A 180 26.53 -9.89 12.48
CA PHE A 180 25.69 -9.98 11.27
C PHE A 180 26.40 -9.59 9.97
N ALA A 181 26.42 -10.52 9.01
CA ALA A 181 26.91 -10.22 7.67
C ALA A 181 25.76 -10.28 6.68
N CYS A 182 25.96 -9.73 5.48
CA CYS A 182 24.90 -9.68 4.49
C CYS A 182 24.49 -11.05 3.97
N ALA A 183 25.45 -11.96 3.91
CA ALA A 183 25.20 -13.32 3.47
C ALA A 183 24.32 -14.09 4.44
N ASN A 184 24.25 -13.63 5.68
CA ASN A 184 23.37 -14.22 6.68
C ASN A 184 21.89 -14.01 6.38
N ALA A 185 21.61 -12.97 5.59
CA ALA A 185 20.23 -12.62 5.24
C ALA A 185 19.93 -13.18 3.86
N PHE A 186 20.74 -12.75 2.90
CA PHE A 186 20.55 -13.19 1.53
C PHE A 186 21.33 -14.48 1.27
N ASN A 187 20.68 -15.59 1.65
CA ASN A 187 20.97 -16.95 1.19
C ASN A 187 20.06 -17.99 1.86
N ASN A 188 18.98 -17.53 2.46
CA ASN A 188 17.85 -18.41 2.79
C ASN A 188 16.66 -17.97 1.95
N SER A 189 16.68 -16.68 1.61
CA SER A 189 15.91 -16.12 0.50
C SER A 189 16.88 -16.17 -0.66
N ILE A 190 17.22 -17.41 -1.06
CA ILE A 190 18.42 -17.69 -1.81
C ILE A 190 18.66 -16.87 -3.08
N ILE A 191 19.93 -16.52 -3.27
CA ILE A 191 20.40 -15.81 -4.44
C ILE A 191 20.81 -16.83 -5.50
N PRO A 192 20.84 -16.43 -6.78
CA PRO A 192 21.31 -17.32 -7.85
C PRO A 192 22.82 -17.47 -7.86
N GLU A 193 23.31 -18.41 -8.65
CA GLU A 193 24.72 -18.80 -8.64
C GLU A 193 25.64 -17.72 -9.21
N ASP A 194 25.08 -16.80 -9.99
CA ASP A 194 25.87 -15.74 -10.62
C ASP A 194 25.72 -14.39 -9.92
N THR A 195 25.44 -14.42 -8.62
CA THR A 195 25.34 -13.18 -7.87
C THR A 195 26.73 -12.59 -7.69
N PHE A 196 26.85 -11.29 -7.90
CA PHE A 196 28.06 -10.55 -7.59
C PHE A 196 28.01 -10.18 -6.12
N PHE A 197 28.97 -10.68 -5.36
CA PHE A 197 28.95 -10.51 -3.92
C PHE A 197 30.26 -9.86 -3.45
N PRO A 198 30.39 -8.54 -3.67
CA PRO A 198 31.64 -7.87 -3.29
C PRO A 198 31.85 -7.87 -1.79
N SER A 199 33.09 -8.03 -1.36
CA SER A 199 33.43 -7.91 0.05
C SER A 199 33.35 -6.43 0.43
N PRO A 200 32.76 -6.13 1.61
CA PRO A 200 32.58 -4.76 2.08
C PRO A 200 33.90 -3.99 2.24
N GLU A 201 33.94 -2.78 1.69
CA GLU A 201 35.13 -1.95 1.75
C GLU A 201 35.03 -0.85 2.81
N LYS B 1 -14.73 15.42 -3.69
CA LYS B 1 -16.16 15.26 -3.91
C LYS B 1 -16.80 14.46 -2.77
N VAL B 2 -16.13 13.41 -2.33
CA VAL B 2 -16.49 12.71 -1.10
C VAL B 2 -15.34 12.78 -0.11
N THR B 3 -15.60 13.27 1.09
CA THR B 3 -14.52 13.38 2.07
C THR B 3 -14.77 12.53 3.32
N GLN B 4 -13.69 12.25 4.04
CA GLN B 4 -13.78 11.55 5.32
C GLN B 4 -13.06 12.38 6.36
N SER B 5 -13.50 12.31 7.62
CA SER B 5 -13.08 13.27 8.62
C SER B 5 -11.64 13.08 9.09
N SER B 6 -11.09 11.90 8.86
CA SER B 6 -9.75 11.58 9.30
C SER B 6 -9.11 10.64 8.29
N ARG B 7 -7.81 10.79 8.05
CA ARG B 7 -7.10 9.84 7.21
C ARG B 7 -6.50 8.74 8.10
N TYR B 8 -6.07 9.12 9.31
CA TYR B 8 -5.43 8.17 10.21
C TYR B 8 -5.88 8.40 11.64
N LEU B 9 -6.33 7.34 12.30
CA LEU B 9 -6.67 7.41 13.73
C LEU B 9 -6.00 6.31 14.55
N VAL B 10 -5.56 6.64 15.74
CA VAL B 10 -5.18 5.58 16.68
C VAL B 10 -5.99 5.74 17.98
N LYS B 11 -6.70 4.69 18.37
CA LYS B 11 -7.60 4.77 19.51
C LYS B 11 -7.38 3.65 20.52
N ARG B 12 -7.72 3.91 21.77
CA ARG B 12 -7.61 2.88 22.79
C ARG B 12 -8.85 2.01 22.76
N THR B 13 -8.72 0.74 23.12
CA THR B 13 -9.86 -0.16 23.23
C THR B 13 -10.88 0.46 24.18
N GLY B 14 -12.16 0.38 23.83
CA GLY B 14 -13.21 0.89 24.70
C GLY B 14 -13.67 2.28 24.33
N GLU B 15 -12.80 3.05 23.66
CA GLU B 15 -13.16 4.39 23.23
C GLU B 15 -14.31 4.36 22.24
N LYS B 16 -15.22 5.33 22.34
CA LYS B 16 -16.24 5.55 21.33
C LYS B 16 -15.59 6.33 20.19
N VAL B 17 -15.81 5.88 18.96
CA VAL B 17 -15.10 6.44 17.82
C VAL B 17 -16.06 6.82 16.71
N PHE B 18 -15.94 8.06 16.24
CA PHE B 18 -16.79 8.55 15.16
C PHE B 18 -16.01 8.69 13.87
N LEU B 19 -16.53 8.12 12.80
CA LEU B 19 -15.97 8.38 11.47
C LEU B 19 -17.00 9.14 10.62
N GLU B 20 -16.61 10.27 10.06
CA GLU B 20 -17.53 11.07 9.25
C GLU B 20 -17.28 10.93 7.77
N CYS B 21 -18.35 10.74 7.01
CA CYS B 21 -18.31 10.76 5.57
C CYS B 21 -19.22 11.92 5.15
N VAL B 22 -18.69 12.86 4.38
CA VAL B 22 -19.47 13.99 3.94
C VAL B 22 -19.35 14.15 2.43
N GLN B 23 -20.48 14.33 1.77
CA GLN B 23 -20.51 14.62 0.35
C GLN B 23 -21.45 15.81 0.09
N ASP B 24 -20.96 16.79 -0.66
CA ASP B 24 -21.76 17.96 -1.02
C ASP B 24 -22.31 17.81 -2.43
N MET B 25 -22.53 16.56 -2.85
CA MET B 25 -23.00 16.31 -4.20
C MET B 25 -24.49 15.99 -4.27
N ASP B 26 -25.15 16.08 -3.11
CA ASP B 26 -26.59 15.84 -3.03
C ASP B 26 -26.96 14.39 -3.34
N HIS B 27 -25.98 13.49 -3.24
CA HIS B 27 -26.25 12.08 -3.49
C HIS B 27 -27.22 11.50 -2.44
N GLU B 28 -28.21 10.76 -2.91
CA GLU B 28 -29.17 10.09 -2.04
C GLU B 28 -28.56 8.90 -1.28
N ASN B 29 -27.74 8.09 -1.96
CA ASN B 29 -27.16 6.89 -1.35
C ASN B 29 -25.80 7.12 -0.69
N MET B 30 -25.59 6.57 0.51
CA MET B 30 -24.24 6.51 1.10
C MET B 30 -23.98 5.17 1.75
N PHE B 31 -22.71 4.78 1.83
CA PHE B 31 -22.32 3.44 2.22
C PHE B 31 -21.07 3.48 3.09
N TRP B 32 -20.97 2.57 4.04
CA TRP B 32 -19.75 2.40 4.82
C TRP B 32 -19.19 0.99 4.68
N TYR B 33 -17.90 0.90 4.39
CA TYR B 33 -17.25 -0.40 4.24
C TYR B 33 -16.01 -0.43 5.12
N ARG B 34 -15.55 -1.62 5.44
CA ARG B 34 -14.21 -1.80 5.96
C ARG B 34 -13.49 -2.76 5.02
N GLN B 35 -12.17 -2.65 4.98
CA GLN B 35 -11.37 -3.49 4.12
C GLN B 35 -10.20 -4.08 4.88
N ASP B 36 -10.04 -5.40 4.80
CA ASP B 36 -8.99 -6.14 5.51
C ASP B 36 -8.39 -7.19 4.57
N PRO B 37 -7.10 -7.53 4.78
CA PRO B 37 -6.43 -8.58 4.00
C PRO B 37 -7.15 -9.93 4.07
N GLY B 38 -7.60 -10.44 2.93
CA GLY B 38 -8.18 -11.78 2.88
C GLY B 38 -9.70 -11.80 2.92
N LEU B 39 -10.29 -10.62 3.08
CA LEU B 39 -11.75 -10.51 3.20
C LEU B 39 -12.25 -9.40 2.27
N GLY B 40 -11.31 -8.64 1.71
CA GLY B 40 -11.67 -7.53 0.84
C GLY B 40 -12.56 -6.52 1.52
N LEU B 41 -13.40 -5.86 0.74
CA LEU B 41 -14.39 -4.90 1.22
C LEU B 41 -15.63 -5.61 1.71
N ARG B 42 -16.15 -5.17 2.85
CA ARG B 42 -17.38 -5.71 3.39
C ARG B 42 -18.23 -4.54 3.78
N LEU B 43 -19.52 -4.61 3.44
CA LEU B 43 -20.47 -3.52 3.73
C LEU B 43 -20.91 -3.60 5.19
N ILE B 44 -20.72 -2.50 5.91
CA ILE B 44 -21.13 -2.38 7.30
C ILE B 44 -22.57 -1.89 7.39
N TYR B 45 -22.84 -0.81 6.66
CA TYR B 45 -24.10 -0.10 6.75
C TYR B 45 -24.27 0.74 5.50
N PHE B 46 -25.52 1.02 5.15
CA PHE B 46 -25.82 1.90 4.02
C PHE B 46 -27.12 2.67 4.25
N SER B 47 -27.41 3.61 3.36
CA SER B 47 -28.52 4.52 3.54
C SER B 47 -28.99 4.95 2.16
N TYR B 48 -30.30 4.87 1.90
CA TYR B 48 -30.83 5.23 0.60
C TYR B 48 -31.32 6.68 0.55
N ASP B 49 -31.36 7.34 1.70
CA ASP B 49 -31.78 8.74 1.79
C ASP B 49 -31.53 9.27 3.21
N VAL B 50 -31.60 10.59 3.36
CA VAL B 50 -31.58 11.22 4.68
C VAL B 50 -32.64 10.52 5.54
N LYS B 51 -32.33 10.31 6.82
CA LYS B 51 -33.21 9.63 7.78
C LYS B 51 -33.37 8.11 7.61
N MET B 52 -32.71 7.52 6.62
CA MET B 52 -32.75 6.06 6.48
C MET B 52 -31.39 5.44 6.82
N LYS B 53 -31.41 4.23 7.38
CA LYS B 53 -30.21 3.40 7.48
C LYS B 53 -30.60 1.93 7.49
N GLU B 54 -29.80 1.10 6.83
CA GLU B 54 -30.02 -0.35 6.84
C GLU B 54 -28.70 -1.07 7.14
N LYS B 55 -28.74 -2.05 8.04
CA LYS B 55 -27.58 -2.87 8.35
C LYS B 55 -27.05 -3.52 7.09
N GLY B 56 -25.74 -3.45 6.89
CA GLY B 56 -25.10 -4.10 5.76
C GLY B 56 -24.80 -5.54 6.09
N ASP B 57 -23.70 -6.05 5.53
CA ASP B 57 -23.33 -7.44 5.74
C ASP B 57 -22.76 -7.72 7.14
N ILE B 58 -22.01 -6.76 7.67
CA ILE B 58 -21.36 -6.92 8.97
C ILE B 58 -21.62 -5.78 9.96
N PRO B 59 -22.89 -5.58 10.32
CA PRO B 59 -23.21 -4.42 11.16
C PRO B 59 -22.79 -4.50 12.65
N GLU B 60 -22.43 -5.67 13.17
CA GLU B 60 -22.17 -5.80 14.62
C GLU B 60 -20.95 -4.99 15.10
N GLY B 61 -21.16 -4.20 16.17
CA GLY B 61 -20.12 -3.36 16.71
C GLY B 61 -20.23 -1.93 16.21
N TYR B 62 -21.06 -1.75 15.19
CA TYR B 62 -21.20 -0.44 14.59
C TYR B 62 -22.64 0.05 14.65
N SER B 63 -22.78 1.36 14.56
CA SER B 63 -24.09 1.97 14.35
C SER B 63 -23.81 3.15 13.45
N VAL B 64 -24.86 3.74 12.88
CA VAL B 64 -24.66 4.90 12.04
C VAL B 64 -25.73 5.94 12.29
N SER B 65 -25.46 7.14 11.77
CA SER B 65 -26.42 8.24 11.80
C SER B 65 -26.41 8.97 10.45
N ARG B 66 -27.60 9.31 9.97
CA ARG B 66 -27.78 10.12 8.77
C ARG B 66 -28.92 11.10 9.01
N GLU B 67 -28.70 12.08 9.87
CA GLU B 67 -29.73 13.07 10.18
C GLU B 67 -29.72 14.20 9.16
N LYS B 68 -28.60 14.34 8.46
CA LYS B 68 -28.47 15.29 7.37
C LYS B 68 -28.04 14.50 6.15
N LYS B 69 -28.47 14.93 4.97
CA LYS B 69 -28.24 14.18 3.75
C LYS B 69 -26.76 14.13 3.38
N GLU B 70 -26.04 15.20 3.69
CA GLU B 70 -24.65 15.27 3.29
C GLU B 70 -23.71 14.43 4.15
N ARG B 71 -24.15 14.00 5.33
CA ARG B 71 -23.25 13.33 6.26
C ARG B 71 -23.74 11.96 6.73
N PHE B 72 -22.88 10.95 6.62
CA PHE B 72 -23.19 9.59 7.06
C PHE B 72 -22.14 9.22 8.11
N SER B 73 -22.53 9.25 9.38
CA SER B 73 -21.59 9.07 10.48
C SER B 73 -21.48 7.60 10.89
N LEU B 74 -20.27 7.08 10.96
CA LEU B 74 -20.06 5.71 11.40
C LEU B 74 -19.52 5.72 12.83
N ILE B 75 -20.15 4.96 13.71
CA ILE B 75 -19.85 5.02 15.12
C ILE B 75 -19.40 3.65 15.63
N LEU B 76 -18.28 3.63 16.33
CA LEU B 76 -17.81 2.44 17.04
C LEU B 76 -18.11 2.71 18.50
N ALA B 77 -19.17 2.11 19.03
CA ALA B 77 -19.58 2.36 20.42
C ALA B 77 -18.48 2.12 21.43
N SER B 78 -17.71 1.07 21.21
CA SER B 78 -16.65 0.66 22.15
C SER B 78 -15.58 -0.09 21.35
N ALA B 79 -14.53 0.62 20.96
CA ALA B 79 -13.56 0.10 20.00
C ALA B 79 -12.88 -1.16 20.51
N SER B 80 -12.81 -2.17 19.65
CA SER B 80 -12.09 -3.38 19.99
C SER B 80 -11.00 -3.56 18.95
N THR B 81 -9.98 -4.33 19.29
CA THR B 81 -8.83 -4.49 18.40
C THR B 81 -9.22 -5.08 17.05
N ASP B 82 -10.26 -5.90 17.01
CA ASP B 82 -10.66 -6.49 15.74
C ASP B 82 -11.33 -5.48 14.80
N GLN B 83 -11.44 -4.23 15.25
CA GLN B 83 -11.97 -3.14 14.45
C GLN B 83 -10.87 -2.28 13.83
N THR B 84 -9.62 -2.64 14.09
CA THR B 84 -8.49 -2.06 13.34
C THR B 84 -8.71 -2.40 11.86
N SER B 85 -8.74 -1.38 11.01
CA SER B 85 -9.10 -1.61 9.61
C SER B 85 -8.93 -0.37 8.72
N MET B 86 -9.18 -0.58 7.44
CA MET B 86 -9.30 0.52 6.49
C MET B 86 -10.79 0.75 6.33
N TYR B 87 -11.27 1.93 6.71
CA TYR B 87 -12.69 2.24 6.58
C TYR B 87 -12.92 3.13 5.38
N LEU B 88 -13.83 2.72 4.50
CA LEU B 88 -14.08 3.47 3.27
C LEU B 88 -15.56 3.82 3.15
N CYS B 89 -15.86 5.09 2.90
CA CYS B 89 -17.25 5.45 2.62
C CYS B 89 -17.41 5.76 1.13
N ALA B 90 -18.66 5.74 0.67
CA ALA B 90 -18.96 5.98 -0.74
C ALA B 90 -20.35 6.56 -0.84
N SER B 91 -20.65 7.21 -1.95
CA SER B 91 -21.99 7.69 -2.22
C SER B 91 -22.35 7.45 -3.68
N SER B 92 -23.65 7.47 -3.96
CA SER B 92 -24.13 7.29 -5.32
C SER B 92 -25.56 7.78 -5.39
N PHE B 93 -26.10 7.80 -6.60
CA PHE B 93 -27.50 8.15 -6.80
C PHE B 93 -28.05 7.46 -8.03
N LEU B 94 -29.35 7.60 -8.27
CA LEU B 94 -29.94 7.11 -9.50
C LEU B 94 -29.67 8.07 -10.66
N GLY B 95 -28.51 7.91 -11.31
CA GLY B 95 -28.20 8.71 -12.47
C GLY B 95 -28.23 7.87 -13.74
N THR B 96 -27.57 8.36 -14.80
CA THR B 96 -27.34 7.53 -15.98
C THR B 96 -26.51 6.32 -15.58
N GLY B 97 -25.63 6.50 -14.61
CA GLY B 97 -24.92 5.40 -13.98
C GLY B 97 -25.20 5.36 -12.48
N VAL B 98 -24.94 4.20 -11.88
CA VAL B 98 -25.26 3.98 -10.46
C VAL B 98 -23.96 3.66 -9.69
N GLU B 99 -22.84 4.00 -10.32
CA GLU B 99 -21.51 3.77 -9.77
C GLU B 99 -21.26 4.53 -8.46
N GLN B 100 -20.56 3.89 -7.54
CA GLN B 100 -20.22 4.51 -6.27
C GLN B 100 -18.91 5.30 -6.33
N TYR B 101 -18.89 6.42 -5.62
CA TYR B 101 -17.72 7.28 -5.53
C TYR B 101 -17.17 7.19 -4.11
N PHE B 102 -15.94 6.69 -3.97
CA PHE B 102 -15.32 6.43 -2.67
C PHE B 102 -14.64 7.64 -2.05
N GLY B 103 -14.74 7.75 -0.73
CA GLY B 103 -13.90 8.67 0.02
C GLY B 103 -12.45 8.19 -0.01
N PRO B 104 -11.53 8.98 0.58
CA PRO B 104 -10.10 8.69 0.50
C PRO B 104 -9.67 7.57 1.45
N GLY B 105 -10.52 7.26 2.43
CA GLY B 105 -10.26 6.18 3.38
C GLY B 105 -9.70 6.66 4.72
N THR B 106 -10.04 5.92 5.77
CA THR B 106 -9.53 6.18 7.12
C THR B 106 -8.94 4.90 7.69
N ARG B 107 -7.65 4.94 8.01
CA ARG B 107 -6.99 3.83 8.65
C ARG B 107 -7.06 3.99 10.16
N LEU B 108 -7.81 3.11 10.79
CA LEU B 108 -8.00 3.13 12.23
C LEU B 108 -7.22 2.00 12.85
N THR B 109 -6.37 2.31 13.83
CA THR B 109 -5.72 1.27 14.60
C THR B 109 -6.26 1.35 16.02
N VAL B 110 -6.77 0.22 16.49
CA VAL B 110 -7.27 0.12 17.86
C VAL B 110 -6.26 -0.66 18.71
N VAL B 111 -5.67 0.02 19.67
CA VAL B 111 -4.65 -0.57 20.53
C VAL B 111 -5.12 -0.64 21.99
N GLU B 112 -4.62 -1.63 22.72
CA GLU B 112 -5.04 -1.85 24.09
C GLU B 112 -4.43 -0.85 25.08
N ASP B 113 -3.38 -0.15 24.66
CA ASP B 113 -2.69 0.82 25.50
C ASP B 113 -1.98 1.84 24.60
N LEU B 114 -2.23 3.13 24.82
CA LEU B 114 -1.61 4.15 23.97
C LEU B 114 -0.11 4.26 24.22
N ASN B 115 0.34 3.67 25.34
CA ASN B 115 1.76 3.51 25.63
C ASN B 115 2.55 2.83 24.50
N LYS B 116 1.90 2.03 23.66
CA LYS B 116 2.64 1.40 22.57
C LYS B 116 2.79 2.23 21.29
N VAL B 117 2.40 3.49 21.33
CA VAL B 117 2.59 4.35 20.18
C VAL B 117 4.02 4.89 20.17
N PHE B 118 4.68 4.80 19.00
CA PHE B 118 6.06 5.22 18.83
C PHE B 118 6.27 5.85 17.46
N PRO B 119 7.02 6.97 17.40
CA PRO B 119 7.39 7.52 16.10
C PRO B 119 8.54 6.72 15.48
N PRO B 120 8.73 6.81 14.15
CA PRO B 120 9.85 6.09 13.55
C PRO B 120 11.21 6.77 13.79
N GLU B 121 12.28 5.99 13.82
CA GLU B 121 13.62 6.50 13.60
C GLU B 121 13.85 6.36 12.12
N VAL B 122 14.59 7.28 11.52
CA VAL B 122 14.74 7.29 10.08
C VAL B 122 16.19 7.55 9.76
N ALA B 123 16.71 6.74 8.83
CA ALA B 123 18.09 6.87 8.46
C ALA B 123 18.19 6.65 6.99
N LEU B 124 19.19 7.30 6.41
CA LEU B 124 19.46 7.20 5.01
C LEU B 124 20.82 6.55 4.81
N PHE B 125 20.88 5.61 3.88
CA PHE B 125 22.10 4.83 3.67
C PHE B 125 22.64 5.12 2.29
N GLU B 126 23.93 5.45 2.25
CA GLU B 126 24.60 5.89 1.03
C GLU B 126 24.97 4.75 0.09
N PRO B 127 24.92 5.01 -1.23
CA PRO B 127 25.26 4.09 -2.30
C PRO B 127 26.60 3.41 -2.09
N SER B 128 26.61 2.10 -2.30
CA SER B 128 27.82 1.29 -2.27
C SER B 128 28.78 1.69 -3.39
N GLU B 129 30.08 1.68 -3.10
CA GLU B 129 31.05 2.03 -4.13
C GLU B 129 31.15 0.94 -5.18
N ALA B 130 30.94 -0.30 -4.77
CA ALA B 130 31.01 -1.43 -5.69
C ALA B 130 29.81 -1.43 -6.65
N GLU B 131 28.67 -0.94 -6.16
CA GLU B 131 27.48 -0.80 -7.02
C GLU B 131 27.77 0.21 -8.11
N ILE B 132 28.29 1.37 -7.71
CA ILE B 132 28.62 2.44 -8.65
C ILE B 132 29.59 1.97 -9.76
N SER B 133 30.61 1.19 -9.41
CA SER B 133 31.55 0.77 -10.43
C SER B 133 31.04 -0.39 -11.30
N HIS B 134 30.30 -1.31 -10.68
CA HIS B 134 29.70 -2.43 -11.42
C HIS B 134 28.61 -1.97 -12.39
N THR B 135 27.75 -1.05 -11.95
CA THR B 135 26.55 -0.68 -12.71
C THR B 135 26.45 0.75 -13.18
N GLN B 136 27.31 1.62 -12.66
CA GLN B 136 27.25 3.07 -12.95
C GLN B 136 25.92 3.71 -12.51
N LYS B 137 25.27 3.05 -11.56
CA LYS B 137 24.09 3.58 -10.91
C LYS B 137 24.33 3.61 -9.40
N ALA B 138 23.55 4.41 -8.70
CA ALA B 138 23.73 4.62 -7.27
C ALA B 138 22.39 4.48 -6.54
N THR B 139 22.27 3.47 -5.70
CA THR B 139 21.03 3.29 -4.92
C THR B 139 21.18 3.81 -3.50
N LEU B 140 20.35 4.79 -3.14
CA LEU B 140 20.18 5.19 -1.75
C LEU B 140 19.04 4.40 -1.11
N VAL B 141 19.21 4.03 0.16
CA VAL B 141 18.14 3.37 0.91
C VAL B 141 17.70 4.19 2.11
N CYS B 142 16.39 4.38 2.23
CA CYS B 142 15.84 5.01 3.41
C CYS B 142 15.19 3.94 4.27
N LEU B 143 15.48 3.99 5.57
CA LEU B 143 14.96 2.99 6.49
C LEU B 143 14.24 3.68 7.65
N ALA B 144 12.97 3.34 7.84
CA ALA B 144 12.26 3.85 9.00
C ALA B 144 11.93 2.66 9.88
N THR B 145 12.29 2.73 11.16
CA THR B 145 12.06 1.61 12.06
C THR B 145 11.40 2.00 13.38
N GLY B 146 10.85 0.99 14.05
CA GLY B 146 10.39 1.14 15.41
C GLY B 146 9.10 1.91 15.62
N PHE B 147 8.34 2.16 14.56
CA PHE B 147 7.09 2.93 14.67
C PHE B 147 5.82 2.12 14.93
N TYR B 148 4.88 2.77 15.59
CA TYR B 148 3.54 2.22 15.83
C TYR B 148 2.58 3.37 16.06
N PRO B 149 1.41 3.35 15.39
CA PRO B 149 0.93 2.32 14.46
C PRO B 149 1.59 2.43 13.09
N ASP B 150 1.22 1.56 12.14
CA ASP B 150 1.81 1.61 10.80
C ASP B 150 1.18 2.70 9.93
N HIS B 151 1.09 3.91 10.48
CA HIS B 151 0.49 5.06 9.79
C HIS B 151 1.57 6.04 9.35
N VAL B 152 2.23 5.72 8.24
CA VAL B 152 3.35 6.52 7.78
C VAL B 152 3.24 6.76 6.29
N GLU B 153 3.83 7.86 5.85
CA GLU B 153 3.86 8.22 4.44
C GLU B 153 5.28 8.68 4.17
N LEU B 154 5.95 8.00 3.23
CA LEU B 154 7.35 8.27 2.97
C LEU B 154 7.54 8.91 1.61
N SER B 155 8.41 9.91 1.56
CA SER B 155 8.66 10.63 0.30
C SER B 155 10.15 10.96 0.15
N TRP B 156 10.61 10.97 -1.09
CA TRP B 156 11.99 11.33 -1.41
C TRP B 156 12.01 12.74 -2.03
N TRP B 157 13.01 13.53 -1.66
CA TRP B 157 13.15 14.89 -2.14
C TRP B 157 14.55 15.10 -2.66
N VAL B 158 14.65 15.48 -3.93
CA VAL B 158 15.95 15.74 -4.54
C VAL B 158 16.08 17.22 -4.84
N ASN B 159 17.04 17.88 -4.19
CA ASN B 159 17.23 19.32 -4.37
C ASN B 159 15.95 20.13 -4.10
N GLY B 160 15.18 19.67 -3.12
CA GLY B 160 13.97 20.35 -2.69
C GLY B 160 12.67 19.96 -3.36
N LYS B 161 12.72 19.15 -4.41
CA LYS B 161 11.53 18.73 -5.16
C LYS B 161 11.20 17.28 -4.84
N GLU B 162 9.92 16.95 -4.70
CA GLU B 162 9.55 15.55 -4.50
C GLU B 162 9.74 14.81 -5.83
N VAL B 163 10.39 13.66 -5.78
CA VAL B 163 10.61 12.88 -6.98
C VAL B 163 9.84 11.57 -6.94
N HIS B 164 9.61 10.98 -8.10
CA HIS B 164 8.92 9.70 -8.20
C HIS B 164 9.65 8.71 -9.08
N SER B 165 10.21 9.22 -10.18
CA SER B 165 11.08 8.42 -11.03
C SER B 165 12.25 7.86 -10.22
N GLY B 166 12.52 6.57 -10.35
CA GLY B 166 13.65 5.97 -9.66
C GLY B 166 13.40 5.60 -8.21
N VAL B 167 12.14 5.69 -7.79
CA VAL B 167 11.78 5.43 -6.39
C VAL B 167 11.03 4.13 -6.25
N CYS B 168 11.30 3.40 -5.18
CA CYS B 168 10.43 2.31 -4.80
C CYS B 168 10.33 2.15 -3.29
N THR B 169 9.12 2.24 -2.74
CA THR B 169 8.89 2.06 -1.32
C THR B 169 8.16 0.75 -1.10
N ASP B 170 8.50 0.01 -0.04
CA ASP B 170 7.79 -1.23 0.27
C ASP B 170 6.31 -0.97 0.37
N PRO B 171 5.48 -1.77 -0.33
CA PRO B 171 4.03 -1.54 -0.26
C PRO B 171 3.50 -1.85 1.13
N GLN B 172 4.13 -2.80 1.80
CA GLN B 172 3.78 -3.16 3.16
C GLN B 172 4.91 -2.85 4.13
N PRO B 173 4.59 -2.12 5.23
CA PRO B 173 5.52 -2.04 6.37
C PRO B 173 5.62 -3.42 7.01
N LEU B 174 6.79 -3.83 7.46
CA LEU B 174 6.91 -5.16 8.07
C LEU B 174 6.89 -5.10 9.61
N LYS B 175 6.12 -5.98 10.24
CA LYS B 175 6.13 -6.10 11.69
C LYS B 175 7.51 -6.53 12.14
N GLU B 176 8.09 -5.82 13.10
CA GLU B 176 9.41 -6.19 13.62
C GLU B 176 9.33 -7.40 14.54
N GLN B 177 8.15 -8.03 14.56
CA GLN B 177 7.84 -9.22 15.37
C GLN B 177 6.44 -9.71 15.01
N PRO B 178 6.32 -10.44 13.88
CA PRO B 178 5.01 -10.72 13.24
C PRO B 178 4.04 -11.51 14.10
N ALA B 179 4.54 -12.27 15.07
CA ALA B 179 3.68 -13.01 15.99
C ALA B 179 2.97 -12.07 16.95
N LEU B 180 3.44 -10.83 17.04
CA LEU B 180 2.93 -9.93 18.07
C LEU B 180 1.86 -8.95 17.57
N ASN B 181 0.79 -8.86 18.35
CA ASN B 181 -0.33 -7.97 18.04
C ASN B 181 0.09 -6.50 18.12
N ASP B 182 0.97 -6.20 19.07
CA ASP B 182 1.41 -4.84 19.30
C ASP B 182 2.82 -4.59 18.79
N SER B 183 3.24 -5.38 17.82
CA SER B 183 4.55 -5.23 17.18
C SER B 183 4.75 -3.85 16.57
N ARG B 184 5.93 -3.30 16.77
CA ARG B 184 6.29 -2.08 16.05
C ARG B 184 6.63 -2.43 14.60
N TYR B 185 6.70 -1.44 13.73
CA TYR B 185 6.89 -1.67 12.30
C TYR B 185 8.19 -1.11 11.77
N ALA B 186 8.55 -1.53 10.56
CA ALA B 186 9.67 -0.96 9.83
C ALA B 186 9.23 -0.76 8.38
N LEU B 187 9.91 0.12 7.66
CA LEU B 187 9.55 0.38 6.28
C LEU B 187 10.79 0.86 5.57
N SER B 188 11.03 0.34 4.37
CA SER B 188 12.19 0.81 3.60
C SER B 188 11.76 1.34 2.24
N SER B 189 12.64 2.16 1.67
CA SER B 189 12.42 2.73 0.36
C SER B 189 13.76 2.86 -0.35
N ARG B 190 13.74 2.78 -1.68
CA ARG B 190 14.97 2.93 -2.44
C ARG B 190 14.78 4.09 -3.41
N LEU B 191 15.87 4.82 -3.64
CA LEU B 191 15.89 5.82 -4.71
C LEU B 191 17.19 5.60 -5.44
N ARG B 192 17.10 5.36 -6.75
CA ARG B 192 18.27 5.05 -7.53
C ARG B 192 18.51 6.12 -8.59
N VAL B 193 19.74 6.62 -8.66
CA VAL B 193 20.11 7.67 -9.59
C VAL B 193 21.37 7.22 -10.34
N SER B 194 21.76 7.97 -11.37
CA SER B 194 23.00 7.66 -12.08
C SER B 194 24.17 7.97 -11.16
N ALA B 195 25.29 7.30 -11.39
CA ALA B 195 26.50 7.54 -10.58
C ALA B 195 27.00 8.99 -10.67
N THR B 196 26.99 9.57 -11.86
CA THR B 196 27.41 10.97 -12.00
C THR B 196 26.54 11.93 -11.19
N PHE B 197 25.25 11.65 -11.09
CA PHE B 197 24.36 12.47 -10.26
C PHE B 197 24.73 12.35 -8.78
N TRP B 198 24.94 11.13 -8.31
CA TRP B 198 25.33 10.95 -6.93
C TRP B 198 26.69 11.57 -6.63
N GLN B 199 27.56 11.63 -7.64
CA GLN B 199 28.94 12.07 -7.43
C GLN B 199 29.08 13.58 -7.47
N ASP B 200 27.94 14.26 -7.52
CA ASP B 200 27.88 15.71 -7.48
C ASP B 200 27.61 16.15 -6.04
N PRO B 201 28.59 16.78 -5.39
CA PRO B 201 28.44 17.14 -3.98
C PRO B 201 27.39 18.23 -3.72
N ARG B 202 26.91 18.90 -4.76
CA ARG B 202 25.86 19.91 -4.57
C ARG B 202 24.46 19.28 -4.62
N ASN B 203 24.40 18.00 -4.93
CA ASN B 203 23.11 17.28 -4.96
C ASN B 203 22.67 16.79 -3.60
N HIS B 204 21.41 17.13 -3.26
CA HIS B 204 20.84 16.85 -1.95
C HIS B 204 19.72 15.83 -2.04
N PHE B 205 19.77 14.80 -1.19
CA PHE B 205 18.79 13.72 -1.26
C PHE B 205 18.13 13.60 0.11
N ARG B 206 16.85 13.96 0.21
CA ARG B 206 16.17 13.84 1.49
C ARG B 206 15.06 12.79 1.50
N CYS B 207 15.07 11.96 2.54
CA CYS B 207 13.99 11.03 2.82
C CYS B 207 13.14 11.61 3.96
N GLN B 208 11.84 11.75 3.72
CA GLN B 208 10.94 12.35 4.70
C GLN B 208 9.86 11.34 5.12
N VAL B 209 9.68 11.11 6.42
CA VAL B 209 8.62 10.20 6.84
C VAL B 209 7.58 10.96 7.68
N GLN B 210 6.37 11.09 7.15
CA GLN B 210 5.27 11.62 7.91
C GLN B 210 4.64 10.52 8.76
N PHE B 211 4.58 10.74 10.07
CA PHE B 211 4.03 9.76 11.00
C PHE B 211 2.79 10.35 11.67
N TYR B 212 1.74 9.56 11.80
CA TYR B 212 0.51 10.02 12.42
C TYR B 212 0.29 9.28 13.72
N GLY B 213 0.32 10.01 14.81
CA GLY B 213 0.22 9.39 16.12
C GLY B 213 -0.78 10.12 16.98
N LEU B 214 -0.35 10.51 18.17
CA LEU B 214 -1.24 11.15 19.12
C LEU B 214 -1.51 12.61 18.74
N SER B 215 -2.72 13.05 19.04
CA SER B 215 -3.09 14.45 18.90
C SER B 215 -2.80 15.15 20.23
N GLU B 216 -2.90 16.47 20.24
CA GLU B 216 -2.64 17.19 21.48
C GLU B 216 -3.78 17.05 22.48
N ALA B 217 -4.93 16.61 21.99
CA ALA B 217 -6.10 16.35 22.83
C ALA B 217 -5.95 15.02 23.55
N ASP B 218 -4.79 14.40 23.39
CA ASP B 218 -4.45 13.16 24.09
C ASP B 218 -3.51 13.46 25.26
N GLU B 219 -3.79 12.89 26.43
CA GLU B 219 -2.90 13.09 27.55
C GLU B 219 -1.77 12.07 27.50
N TRP B 220 -0.66 12.42 28.13
CA TRP B 220 0.53 11.60 28.11
C TRP B 220 1.25 11.77 29.44
N THR B 221 1.44 10.67 30.16
CA THR B 221 2.03 10.77 31.49
C THR B 221 3.38 10.06 31.57
N GLN B 222 4.00 9.81 30.42
CA GLN B 222 5.23 9.03 30.36
C GLN B 222 6.51 9.85 30.40
N ALA B 223 7.62 9.15 30.59
CA ALA B 223 8.93 9.77 30.60
C ALA B 223 9.36 10.20 29.20
N ARG B 224 9.28 9.29 28.22
CA ARG B 224 9.65 9.63 26.85
C ARG B 224 8.76 10.71 26.26
N ALA B 225 9.22 11.34 25.20
CA ALA B 225 8.47 12.42 24.56
C ALA B 225 7.18 11.91 23.95
N LYS B 226 6.12 12.70 24.09
CA LYS B 226 4.80 12.36 23.55
C LYS B 226 4.91 12.01 22.06
N PRO B 227 4.45 10.81 21.68
CA PRO B 227 4.56 10.31 20.30
C PRO B 227 3.49 10.91 19.39
N VAL B 228 3.61 12.21 19.14
CA VAL B 228 2.64 12.94 18.34
C VAL B 228 2.87 12.74 16.84
N THR B 229 1.87 13.10 16.04
CA THR B 229 2.00 13.23 14.60
C THR B 229 3.17 14.15 14.32
N GLN B 230 4.10 13.72 13.46
CA GLN B 230 5.31 14.50 13.22
C GLN B 230 5.99 13.99 11.95
N ILE B 231 6.92 14.79 11.44
CA ILE B 231 7.76 14.40 10.33
C ILE B 231 9.13 14.05 10.89
N VAL B 232 9.66 12.91 10.49
CA VAL B 232 11.04 12.55 10.80
C VAL B 232 11.77 12.34 9.48
N SER B 233 12.94 12.96 9.35
CA SER B 233 13.70 12.87 8.10
C SER B 233 15.18 12.56 8.30
N ALA B 234 15.82 12.14 7.22
CA ALA B 234 17.26 11.98 7.16
C ALA B 234 17.70 12.36 5.75
N GLU B 235 18.98 12.69 5.57
CA GLU B 235 19.44 13.18 4.29
C GLU B 235 20.84 12.66 3.98
N ALA B 236 21.22 12.76 2.71
CA ALA B 236 22.61 12.59 2.36
C ALA B 236 22.95 13.63 1.30
N TRP B 237 24.20 14.05 1.29
CA TRP B 237 24.69 14.90 0.22
C TRP B 237 25.53 14.06 -0.73
N GLY B 238 25.46 14.35 -2.02
CA GLY B 238 26.30 13.69 -2.99
C GLY B 238 27.77 13.72 -2.60
N ARG B 239 28.53 12.75 -3.08
CA ARG B 239 29.92 12.59 -2.66
C ARG B 239 30.75 12.23 -3.89
N ALA B 240 31.77 13.04 -4.17
CA ALA B 240 32.57 12.85 -5.38
C ALA B 240 33.45 11.60 -5.33
N ASP B 241 33.80 11.17 -4.13
CA ASP B 241 34.58 9.93 -3.97
C ASP B 241 33.67 8.70 -3.93
#